data_7Q5D
#
_entry.id   7Q5D
#
_cell.length_a   70.470
_cell.length_b   70.470
_cell.length_c   96.635
_cell.angle_alpha   90.000
_cell.angle_beta   90.000
_cell.angle_gamma   120.000
#
_symmetry.space_group_name_H-M   'P 31 2 1'
#
loop_
_entity.id
_entity.type
_entity.pdbx_description
1 polymer 'Endothelial protein C receptor'
2 branched 2-acetamido-2-deoxy-beta-D-glucopyranose-(1-4)-2-acetamido-2-deoxy-beta-D-glucopyranose
3 non-polymer CYSTEINE
4 non-polymer PHOSPHATIDYLETHANOLAMINE
5 non-polymer GLYCEROL
6 water water
#
_entity_poly.entity_id   1
_entity_poly.type   'polypeptide(L)'
_entity_poly.pdbx_seq_one_letter_code
;GPSQDASDGLQRLHMLQISYFRDPYHVWYQGNASLGGHLTHVLEGPDTNTTIIQLQPLQEPESWARTQSGLQSYLLQFHG
LVRLVHQERTLAFPLTIRCFLGCELPPEGSRAHVFFEVAVNGSSFVSFRPERALWQADTQVTSGVVTFTLQQLNAYNRTR
YELREFLEDTCVQYVQKHISAENTKGSQTSRSYTS
;
_entity_poly.pdbx_strand_id   A
#
# COMPACT_ATOMS: atom_id res chain seq x y z
CA LEU A 10 2.83 -8.43 -18.62
C LEU A 10 3.84 -7.77 -17.67
N GLN A 11 4.15 -6.50 -17.96
CA GLN A 11 5.21 -5.76 -17.29
C GLN A 11 4.57 -4.99 -16.15
N ARG A 12 4.54 -5.61 -14.98
CA ARG A 12 3.80 -4.98 -13.90
C ARG A 12 4.37 -5.46 -12.59
N LEU A 13 4.22 -4.62 -11.57
CA LEU A 13 4.46 -5.02 -10.18
C LEU A 13 3.17 -4.77 -9.41
N HIS A 14 2.63 -5.82 -8.81
CA HIS A 14 1.41 -5.70 -8.01
C HIS A 14 1.76 -6.04 -6.58
N MET A 15 1.20 -5.30 -5.62
CA MET A 15 1.47 -5.55 -4.20
C MET A 15 0.14 -5.66 -3.48
N LEU A 16 0.03 -6.62 -2.57
CA LEU A 16 -1.20 -6.84 -1.80
C LEU A 16 -0.82 -6.85 -0.34
N GLN A 17 -1.56 -6.09 0.47
CA GLN A 17 -1.35 -6.06 1.92
C GLN A 17 -2.70 -6.26 2.60
N ILE A 18 -2.82 -7.30 3.43
CA ILE A 18 -4.03 -7.51 4.21
C ILE A 18 -3.66 -7.29 5.68
N SER A 19 -4.39 -6.41 6.36
CA SER A 19 -4.09 -6.06 7.77
C SER A 19 -5.33 -6.36 8.61
N TYR A 20 -5.18 -7.29 9.56
N TYR A 20 -5.20 -7.30 9.58
CA TYR A 20 -6.24 -7.65 10.49
CA TYR A 20 -6.31 -7.68 10.47
C TYR A 20 -5.97 -6.92 11.79
C TYR A 20 -6.07 -7.05 11.84
N PHE A 21 -6.90 -6.08 12.20
CA PHE A 21 -6.81 -5.42 13.50
C PHE A 21 -7.83 -6.07 14.42
N ARG A 22 -7.37 -6.68 15.50
CA ARG A 22 -8.36 -7.04 16.50
C ARG A 22 -8.61 -5.88 17.47
N ASP A 23 -7.70 -4.89 17.54
CA ASP A 23 -7.97 -3.63 18.26
C ASP A 23 -6.97 -2.60 17.72
N PRO A 24 -6.97 -1.34 18.19
CA PRO A 24 -6.04 -0.38 17.57
C PRO A 24 -4.58 -0.76 17.73
N TYR A 25 -4.23 -1.56 18.75
CA TYR A 25 -2.82 -1.83 19.05
C TYR A 25 -2.35 -3.21 18.63
N HIS A 26 -3.17 -3.95 17.91
CA HIS A 26 -2.83 -5.34 17.59
C HIS A 26 -3.24 -5.58 16.16
N VAL A 27 -2.25 -5.74 15.27
CA VAL A 27 -2.50 -5.98 13.85
C VAL A 27 -1.65 -7.16 13.36
N TRP A 28 -2.23 -7.95 12.46
CA TRP A 28 -1.61 -9.13 11.82
C TRP A 28 -1.54 -8.81 10.36
N TYR A 29 -0.35 -8.89 9.76
CA TYR A 29 -0.18 -8.54 8.36
C TYR A 29 0.02 -9.81 7.53
N GLN A 30 -0.50 -9.80 6.30
CA GLN A 30 -0.29 -10.90 5.37
C GLN A 30 -0.24 -10.22 4.01
N GLY A 31 0.86 -10.36 3.30
CA GLY A 31 0.90 -9.68 2.01
C GLY A 31 1.87 -10.40 1.10
N ASN A 32 1.97 -9.87 -0.12
CA ASN A 32 2.91 -10.44 -1.08
C ASN A 32 2.89 -9.53 -2.30
N ALA A 33 3.92 -9.68 -3.12
CA ALA A 33 4.03 -8.92 -4.36
C ALA A 33 4.40 -9.88 -5.48
N SER A 34 3.97 -9.52 -6.69
CA SER A 34 4.28 -10.30 -7.87
C SER A 34 4.81 -9.40 -8.98
N LEU A 35 5.86 -9.84 -9.66
CA LEU A 35 6.46 -9.13 -10.78
C LEU A 35 6.22 -9.98 -12.02
N GLY A 36 5.55 -9.38 -13.01
CA GLY A 36 5.26 -10.14 -14.23
C GLY A 36 4.47 -11.41 -13.96
N GLY A 37 3.62 -11.39 -12.93
CA GLY A 37 2.82 -12.58 -12.66
C GLY A 37 3.49 -13.62 -11.77
N HIS A 38 4.69 -13.35 -11.26
CA HIS A 38 5.46 -14.33 -10.49
C HIS A 38 5.61 -13.79 -9.09
N LEU A 39 5.35 -14.65 -8.10
CA LEU A 39 5.49 -14.20 -6.71
C LEU A 39 6.95 -13.85 -6.46
N THR A 40 7.19 -12.68 -5.89
CA THR A 40 8.55 -12.18 -5.67
C THR A 40 8.83 -11.74 -4.25
N HIS A 41 7.80 -11.42 -3.44
CA HIS A 41 8.03 -10.88 -2.11
C HIS A 41 6.93 -11.33 -1.17
N VAL A 42 7.25 -11.45 0.12
CA VAL A 42 6.26 -11.85 1.12
C VAL A 42 6.29 -10.87 2.27
N LEU A 43 5.11 -10.49 2.75
CA LEU A 43 4.92 -9.71 3.97
C LEU A 43 4.19 -10.61 4.97
N GLU A 44 4.74 -10.80 6.19
CA GLU A 44 4.05 -11.69 7.10
C GLU A 44 4.36 -11.31 8.54
N GLY A 45 3.33 -11.20 9.37
CA GLY A 45 3.57 -11.33 10.80
C GLY A 45 2.96 -10.18 11.56
N PRO A 46 3.00 -10.26 12.90
CA PRO A 46 2.26 -9.28 13.70
C PRO A 46 3.06 -7.98 13.76
N ASP A 47 2.38 -6.91 14.21
CA ASP A 47 3.03 -5.62 14.37
C ASP A 47 4.34 -5.74 15.15
N THR A 48 4.40 -6.68 16.11
CA THR A 48 5.58 -6.82 16.95
C THR A 48 6.78 -7.36 16.16
N ASN A 49 6.55 -8.11 15.10
CA ASN A 49 7.67 -8.61 14.30
C ASN A 49 7.15 -8.85 12.88
N THR A 50 7.24 -7.82 12.01
CA THR A 50 6.75 -7.91 10.64
C THR A 50 7.91 -8.26 9.72
N THR A 51 7.85 -9.45 9.09
CA THR A 51 8.91 -9.87 8.18
C THR A 51 8.53 -9.50 6.75
N ILE A 52 9.54 -9.04 5.99
CA ILE A 52 9.40 -8.62 4.59
C ILE A 52 10.60 -9.20 3.86
N ILE A 53 10.35 -10.10 2.91
CA ILE A 53 11.45 -10.88 2.33
C ILE A 53 11.31 -10.84 0.81
N GLN A 54 12.44 -10.77 0.10
CA GLN A 54 12.33 -10.99 -1.34
C GLN A 54 12.57 -12.47 -1.56
N LEU A 55 11.63 -13.11 -2.26
CA LEU A 55 11.77 -14.53 -2.55
C LEU A 55 12.83 -14.76 -3.62
N GLN A 56 12.94 -13.85 -4.55
CA GLN A 56 13.98 -13.90 -5.55
C GLN A 56 15.00 -12.79 -5.26
N PRO A 57 16.28 -13.03 -5.49
CA PRO A 57 17.31 -12.04 -5.11
C PRO A 57 17.43 -10.91 -6.13
N LEU A 58 16.35 -10.14 -6.26
CA LEU A 58 16.27 -9.12 -7.30
C LEU A 58 17.13 -7.89 -6.98
N GLN A 59 17.12 -7.43 -5.73
CA GLN A 59 17.96 -6.33 -5.28
C GLN A 59 19.14 -6.85 -4.48
N GLU A 60 20.31 -6.24 -4.70
CA GLU A 60 21.47 -6.58 -3.89
C GLU A 60 21.22 -6.19 -2.44
N PRO A 61 21.99 -6.73 -1.49
CA PRO A 61 21.62 -6.56 -0.06
C PRO A 61 21.49 -5.12 0.41
N GLU A 62 22.38 -4.22 -0.02
CA GLU A 62 22.29 -2.84 0.46
C GLU A 62 21.08 -2.13 -0.13
N SER A 63 20.72 -2.48 -1.36
CA SER A 63 19.58 -1.83 -2.00
C SER A 63 18.28 -2.37 -1.42
N TRP A 64 18.22 -3.68 -1.19
CA TRP A 64 17.05 -4.27 -0.55
C TRP A 64 16.88 -3.71 0.86
N ALA A 65 17.98 -3.61 1.61
CA ALA A 65 17.90 -3.08 2.95
C ALA A 65 17.24 -1.71 2.95
N ARG A 66 17.59 -0.87 1.97
CA ARG A 66 16.97 0.44 1.88
C ARG A 66 15.49 0.32 1.53
N THR A 67 15.16 -0.50 0.54
CA THR A 67 13.77 -0.69 0.19
C THR A 67 12.97 -1.15 1.39
N GLN A 68 13.55 -2.05 2.19
CA GLN A 68 12.79 -2.65 3.29
C GLN A 68 12.51 -1.64 4.40
N SER A 69 13.44 -0.73 4.69
CA SER A 69 13.18 0.26 5.74
C SER A 69 12.06 1.20 5.34
N GLY A 70 12.01 1.59 4.06
CA GLY A 70 10.88 2.38 3.60
C GLY A 70 9.57 1.64 3.72
N LEU A 71 9.57 0.32 3.44
CA LEU A 71 8.35 -0.46 3.64
C LEU A 71 7.97 -0.52 5.12
N GLN A 72 8.94 -0.68 6.00
CA GLN A 72 8.60 -0.72 7.43
C GLN A 72 8.05 0.62 7.89
N SER A 73 8.58 1.72 7.34
CA SER A 73 8.07 3.03 7.71
C SER A 73 6.69 3.30 7.13
N TYR A 74 6.39 2.77 5.95
CA TYR A 74 5.01 2.82 5.50
C TYR A 74 4.09 2.11 6.51
N LEU A 75 4.50 0.91 6.98
CA LEU A 75 3.64 0.19 7.91
C LEU A 75 3.43 0.98 9.19
N LEU A 76 4.49 1.60 9.71
CA LEU A 76 4.34 2.36 10.94
C LEU A 76 3.34 3.49 10.77
N GLN A 77 3.39 4.21 9.65
CA GLN A 77 2.45 5.30 9.38
C GLN A 77 1.03 4.81 9.09
N PHE A 78 0.91 3.69 8.38
CA PHE A 78 -0.38 3.07 8.12
C PHE A 78 -1.06 2.71 9.43
N HIS A 79 -0.34 2.01 10.30
CA HIS A 79 -0.89 1.71 11.62
C HIS A 79 -1.21 2.98 12.40
N GLY A 80 -0.34 3.98 12.33
CA GLY A 80 -0.61 5.24 13.06
C GLY A 80 -1.91 5.89 12.60
N LEU A 81 -2.17 5.88 11.29
CA LEU A 81 -3.40 6.48 10.79
C LEU A 81 -4.62 5.72 11.25
N VAL A 82 -4.60 4.36 11.21
CA VAL A 82 -5.72 3.65 11.78
C VAL A 82 -5.96 4.04 13.25
N ARG A 83 -4.87 4.11 14.06
CA ARG A 83 -5.06 4.46 15.46
C ARG A 83 -5.63 5.88 15.60
N LEU A 84 -5.20 6.78 14.72
CA LEU A 84 -5.68 8.16 14.81
C LEU A 84 -7.15 8.23 14.44
N VAL A 85 -7.55 7.56 13.36
CA VAL A 85 -8.96 7.54 12.96
C VAL A 85 -9.80 7.02 14.11
N HIS A 86 -9.44 5.86 14.68
CA HIS A 86 -10.22 5.37 15.82
C HIS A 86 -10.28 6.40 16.93
N GLN A 87 -9.14 7.04 17.24
CA GLN A 87 -9.07 7.92 18.38
C GLN A 87 -9.94 9.16 18.20
N GLU A 88 -10.26 9.53 16.95
CA GLU A 88 -11.08 10.70 16.69
C GLU A 88 -12.51 10.39 16.26
N ARG A 89 -12.77 9.21 15.71
CA ARG A 89 -14.07 8.94 15.10
C ARG A 89 -14.68 7.58 15.45
N THR A 90 -14.03 6.74 16.28
CA THR A 90 -14.60 5.44 16.67
C THR A 90 -14.74 4.40 15.58
N LEU A 91 -13.68 3.62 15.37
CA LEU A 91 -13.76 2.39 14.57
C LEU A 91 -14.30 1.22 15.38
N ALA A 92 -15.06 0.37 14.70
CA ALA A 92 -15.56 -0.89 15.24
C ALA A 92 -14.58 -2.01 14.89
N PHE A 93 -14.03 -2.65 15.91
CA PHE A 93 -13.09 -3.74 15.76
C PHE A 93 -13.75 -5.09 16.05
N PRO A 94 -13.21 -6.19 15.53
CA PRO A 94 -12.03 -6.28 14.65
C PRO A 94 -12.37 -5.80 13.26
N LEU A 95 -11.35 -5.50 12.47
CA LEU A 95 -11.62 -5.08 11.10
C LEU A 95 -10.46 -5.55 10.26
N THR A 96 -10.71 -5.71 8.95
CA THR A 96 -9.72 -6.13 7.99
C THR A 96 -9.57 -5.06 6.92
N ILE A 97 -8.35 -4.60 6.70
CA ILE A 97 -8.07 -3.59 5.66
C ILE A 97 -7.28 -4.28 4.56
N ARG A 98 -7.66 -4.05 3.30
CA ARG A 98 -6.96 -4.62 2.16
C ARG A 98 -6.41 -3.48 1.34
N CYS A 99 -5.08 -3.48 1.11
CA CYS A 99 -4.45 -2.50 0.20
C CYS A 99 -3.93 -3.21 -1.01
N PHE A 100 -4.40 -2.78 -2.18
CA PHE A 100 -3.98 -3.39 -3.43
C PHE A 100 -3.42 -2.26 -4.28
N LEU A 101 -2.13 -2.34 -4.63
CA LEU A 101 -1.47 -1.20 -5.29
C LEU A 101 -0.42 -1.73 -6.27
N GLY A 102 0.03 -0.86 -7.15
CA GLY A 102 1.05 -1.34 -8.07
C GLY A 102 1.14 -0.46 -9.29
N CYS A 103 1.90 -0.97 -10.25
CA CYS A 103 2.14 -0.23 -11.49
C CYS A 103 2.21 -1.20 -12.65
N GLU A 104 1.75 -0.74 -13.83
CA GLU A 104 1.68 -1.59 -15.00
C GLU A 104 2.13 -0.81 -16.22
N LEU A 105 2.99 -1.42 -17.05
CA LEU A 105 3.32 -0.79 -18.33
C LEU A 105 2.54 -1.47 -19.45
N PRO A 106 1.51 -0.84 -20.02
CA PRO A 106 0.78 -1.49 -21.11
C PRO A 106 1.67 -1.64 -22.33
N PRO A 107 1.49 -2.70 -23.12
CA PRO A 107 2.16 -2.74 -24.43
C PRO A 107 1.78 -1.59 -25.33
N GLU A 108 0.49 -1.25 -25.38
CA GLU A 108 0.02 -0.13 -26.20
C GLU A 108 -0.15 1.13 -25.34
N GLY A 109 0.95 1.52 -24.68
CA GLY A 109 0.88 2.65 -23.77
C GLY A 109 2.09 3.58 -23.77
N SER A 110 1.81 4.88 -23.63
CA SER A 110 2.84 5.90 -23.44
C SER A 110 3.10 6.19 -21.97
N ARG A 111 2.45 5.45 -21.06
CA ARG A 111 2.39 5.86 -19.67
C ARG A 111 2.00 4.68 -18.80
N ALA A 112 2.61 4.58 -17.62
CA ALA A 112 2.26 3.55 -16.68
C ALA A 112 0.87 3.79 -16.10
N HIS A 113 0.16 2.69 -15.83
CA HIS A 113 -1.07 2.75 -15.06
C HIS A 113 -0.71 2.36 -13.63
N VAL A 114 -0.94 3.27 -12.68
CA VAL A 114 -0.61 2.98 -11.28
C VAL A 114 -1.88 3.15 -10.46
N PHE A 115 -1.89 2.49 -9.30
CA PHE A 115 -3.13 2.46 -8.54
C PHE A 115 -2.83 2.13 -7.11
N PHE A 116 -3.79 2.47 -6.25
CA PHE A 116 -3.73 2.11 -4.83
C PHE A 116 -5.16 2.13 -4.32
N GLU A 117 -5.75 0.95 -4.09
CA GLU A 117 -7.14 0.79 -3.66
C GLU A 117 -7.18 0.21 -2.26
N VAL A 118 -8.06 0.75 -1.41
CA VAL A 118 -8.20 0.30 -0.02
C VAL A 118 -9.62 -0.17 0.20
N ALA A 119 -9.78 -1.38 0.74
CA ALA A 119 -11.07 -1.91 1.14
C ALA A 119 -11.06 -2.16 2.65
N VAL A 120 -12.21 -1.99 3.29
CA VAL A 120 -12.32 -2.25 4.73
C VAL A 120 -13.44 -3.26 4.92
N ASN A 121 -13.12 -4.36 5.61
CA ASN A 121 -14.07 -5.42 5.82
C ASN A 121 -14.64 -5.87 4.48
N GLY A 122 -13.81 -5.90 3.44
CA GLY A 122 -14.26 -6.46 2.18
C GLY A 122 -15.04 -5.52 1.27
N SER A 123 -15.28 -4.27 1.67
CA SER A 123 -15.98 -3.31 0.79
C SER A 123 -15.10 -2.11 0.48
N SER A 124 -15.33 -1.54 -0.71
CA SER A 124 -14.59 -0.38 -1.20
C SER A 124 -14.62 0.76 -0.19
N PHE A 125 -13.46 1.34 0.10
CA PHE A 125 -13.39 2.41 1.09
C PHE A 125 -12.80 3.68 0.49
N VAL A 126 -11.50 3.71 0.14
CA VAL A 126 -10.91 4.87 -0.50
C VAL A 126 -9.95 4.35 -1.56
N SER A 127 -9.64 5.22 -2.52
CA SER A 127 -8.59 4.87 -3.47
C SER A 127 -7.82 6.15 -3.84
N PHE A 128 -6.62 5.95 -4.32
CA PHE A 128 -5.72 7.04 -4.68
C PHE A 128 -5.90 7.39 -6.15
N ARG A 129 -5.97 8.68 -6.45
CA ARG A 129 -5.88 9.25 -7.81
C ARG A 129 -4.44 9.73 -7.99
N PRO A 130 -3.55 8.90 -8.53
CA PRO A 130 -2.12 9.12 -8.26
C PRO A 130 -1.54 10.32 -8.97
N GLU A 131 -2.08 10.68 -10.14
CA GLU A 131 -1.52 11.77 -10.90
C GLU A 131 -1.66 13.09 -10.14
N ARG A 132 -2.86 13.35 -9.59
CA ARG A 132 -3.12 14.54 -8.77
C ARG A 132 -2.68 14.31 -7.31
N ALA A 133 -2.25 13.11 -6.98
CA ALA A 133 -1.77 12.76 -5.64
C ALA A 133 -2.86 13.03 -4.60
N LEU A 134 -4.10 12.62 -4.92
CA LEU A 134 -5.24 12.89 -4.03
C LEU A 134 -6.05 11.64 -3.85
N TRP A 135 -6.64 11.49 -2.67
CA TRP A 135 -7.45 10.33 -2.34
C TRP A 135 -8.93 10.66 -2.49
N GLN A 136 -9.71 9.67 -2.88
CA GLN A 136 -11.16 9.83 -3.01
C GLN A 136 -11.85 8.70 -2.27
N ALA A 137 -13.09 8.96 -1.89
CA ALA A 137 -13.93 7.90 -1.33
C ALA A 137 -14.42 7.01 -2.45
N ASP A 138 -14.37 5.70 -2.21
CA ASP A 138 -14.99 4.70 -3.06
C ASP A 138 -16.35 4.27 -2.53
N THR A 139 -16.69 4.67 -1.32
CA THR A 139 -18.03 4.45 -0.78
C THR A 139 -18.96 5.57 -1.25
N GLN A 140 -20.16 5.20 -1.67
CA GLN A 140 -21.20 6.19 -1.89
C GLN A 140 -21.91 6.55 -0.59
N VAL A 141 -21.57 5.88 0.50
CA VAL A 141 -22.15 6.16 1.81
C VAL A 141 -21.26 7.16 2.53
N THR A 142 -21.85 8.29 2.92
CA THR A 142 -21.14 9.26 3.74
C THR A 142 -20.97 8.73 5.17
N SER A 143 -19.88 9.13 5.81
CA SER A 143 -19.58 8.70 7.17
C SER A 143 -18.52 9.63 7.75
N GLY A 144 -18.64 9.88 9.06
CA GLY A 144 -17.57 10.58 9.75
C GLY A 144 -16.22 9.90 9.60
N VAL A 145 -16.20 8.56 9.57
CA VAL A 145 -14.97 7.82 9.38
C VAL A 145 -14.36 8.14 8.01
N VAL A 146 -15.16 8.03 6.95
CA VAL A 146 -14.50 8.19 5.65
C VAL A 146 -14.13 9.66 5.43
N THR A 147 -14.94 10.59 5.93
CA THR A 147 -14.60 12.00 5.78
C THR A 147 -13.32 12.33 6.52
N PHE A 148 -13.22 11.90 7.77
CA PHE A 148 -12.01 12.18 8.52
C PHE A 148 -10.79 11.50 7.92
N THR A 149 -10.92 10.25 7.46
CA THR A 149 -9.78 9.56 6.85
C THR A 149 -9.30 10.33 5.63
N LEU A 150 -10.23 10.80 4.81
CA LEU A 150 -9.85 11.60 3.63
C LEU A 150 -9.22 12.94 4.03
N GLN A 151 -9.71 13.57 5.09
CA GLN A 151 -9.10 14.85 5.50
C GLN A 151 -7.64 14.63 5.86
N GLN A 152 -7.31 13.51 6.50
CA GLN A 152 -5.94 13.24 6.90
C GLN A 152 -5.09 12.89 5.69
N LEU A 153 -5.63 12.02 4.84
CA LEU A 153 -4.89 11.55 3.67
C LEU A 153 -4.59 12.69 2.71
N ASN A 154 -5.51 13.63 2.61
CA ASN A 154 -5.32 14.70 1.63
C ASN A 154 -4.67 15.93 2.24
N ALA A 155 -4.19 15.85 3.48
CA ALA A 155 -3.59 17.06 4.05
C ALA A 155 -2.39 17.49 3.21
N TYR A 156 -2.10 18.79 3.25
CA TYR A 156 -0.99 19.37 2.49
C TYR A 156 0.31 19.12 3.24
N ASN A 157 0.76 17.88 3.17
CA ASN A 157 2.06 17.49 3.67
C ASN A 157 2.64 16.49 2.67
N ARG A 158 3.92 16.18 2.84
CA ARG A 158 4.64 15.44 1.82
C ARG A 158 4.06 14.04 1.59
N THR A 159 3.27 13.49 2.52
CA THR A 159 2.95 12.05 2.48
C THR A 159 2.30 11.62 1.17
N ARG A 160 1.28 12.38 0.71
CA ARG A 160 0.59 12.00 -0.54
C ARG A 160 1.44 12.27 -1.78
N TYR A 161 2.28 13.30 -1.75
CA TYR A 161 3.23 13.51 -2.84
C TYR A 161 4.29 12.42 -2.86
N GLU A 162 4.70 11.95 -1.68
CA GLU A 162 5.64 10.81 -1.63
C GLU A 162 5.02 9.55 -2.17
N LEU A 163 3.75 9.30 -1.85
CA LEU A 163 3.12 8.10 -2.38
C LEU A 163 3.06 8.18 -3.90
N ARG A 164 2.73 9.35 -4.44
CA ARG A 164 2.72 9.50 -5.90
C ARG A 164 4.08 9.15 -6.50
N GLU A 165 5.17 9.60 -5.85
CA GLU A 165 6.49 9.28 -6.38
C GLU A 165 6.78 7.79 -6.27
N PHE A 166 6.37 7.16 -5.17
CA PHE A 166 6.56 5.72 -5.04
C PHE A 166 5.86 4.96 -6.18
N LEU A 167 4.63 5.35 -6.53
CA LEU A 167 3.94 4.56 -7.56
C LEU A 167 4.44 4.93 -8.95
N GLU A 168 4.55 6.24 -9.23
CA GLU A 168 4.87 6.68 -10.59
C GLU A 168 6.34 6.56 -10.93
N ASP A 169 7.22 6.57 -9.94
CA ASP A 169 8.65 6.57 -10.22
C ASP A 169 9.30 5.30 -9.69
N THR A 170 9.21 5.03 -8.40
CA THR A 170 9.93 3.91 -7.81
C THR A 170 9.43 2.57 -8.36
N CYS A 171 8.12 2.38 -8.35
CA CYS A 171 7.53 1.13 -8.82
C CYS A 171 7.82 0.93 -10.30
N VAL A 172 7.65 1.98 -11.08
CA VAL A 172 7.86 1.87 -12.52
C VAL A 172 9.33 1.56 -12.84
N GLN A 173 10.26 2.27 -12.17
CA GLN A 173 11.67 1.99 -12.41
C GLN A 173 12.03 0.57 -11.99
N TYR A 174 11.39 0.06 -10.95
CA TYR A 174 11.63 -1.31 -10.50
C TYR A 174 11.22 -2.30 -11.58
N VAL A 175 10.04 -2.09 -12.17
CA VAL A 175 9.60 -2.96 -13.27
C VAL A 175 10.58 -2.86 -14.44
N GLN A 176 10.94 -1.64 -14.85
CA GLN A 176 11.84 -1.49 -15.97
C GLN A 176 13.19 -2.17 -15.71
N LYS A 177 13.65 -2.11 -14.48
CA LYS A 177 14.96 -2.68 -14.18
C LYS A 177 14.92 -4.21 -14.08
N HIS A 178 13.86 -4.78 -13.49
CA HIS A 178 13.88 -6.19 -13.09
C HIS A 178 13.00 -7.10 -13.93
N ILE A 179 12.14 -6.55 -14.79
CA ILE A 179 11.20 -7.39 -15.51
C ILE A 179 11.98 -8.35 -16.42
N SER A 180 13.17 -7.95 -16.86
CA SER A 180 14.03 -8.85 -17.64
C SER A 180 14.30 -10.14 -16.88
N ALA A 181 14.52 -10.03 -15.57
CA ALA A 181 14.82 -11.18 -14.71
C ALA A 181 13.53 -11.90 -14.30
N GLU A 182 12.82 -12.39 -15.31
CA GLU A 182 11.51 -13.01 -15.14
C GLU A 182 11.14 -13.69 -16.47
#